data_2WS2
#
_entry.id   2WS2
#
_cell.length_a   47.216
_cell.length_b   101.382
_cell.length_c   47.170
_cell.angle_alpha   90.00
_cell.angle_beta   100.46
_cell.angle_gamma   90.00
#
_symmetry.space_group_name_H-M   'P 1 21 1'
#
loop_
_entity.id
_entity.type
_entity.pdbx_description
1 polymer 'GLUTATHIONE S-TRANSFERASE'
2 water water
#
_entity_poly.entity_id   1
_entity_poly.type   'polypeptide(L)'
_entity_poly.pdbx_seq_one_letter_code
;MVHYKLTYFNGRGAAEIIRQVFVLAGQDYEDVRLTHEEWPKHKASMPFGQLPVLEVDGKQLPQSVAIVRYLARKFGYAGK
SAWEEAVVDSIADQFKDFLNEVRPYFKVLLGMDQGDLKALEKDVFEPARQKFFTIVTKILKENKTGYLVGDSLTFADLYV
AEMGFTEHYPKLYDGFPEVKAHAEKVRSNPKLKKWIETRPASKF
;
_entity_poly.pdbx_strand_id   A,B
#
# COMPACT_ATOMS: atom_id res chain seq x y z
N MET A 1 -11.58 16.01 -22.96
CA MET A 1 -11.81 17.34 -22.33
C MET A 1 -10.76 17.53 -21.24
N VAL A 2 -10.53 16.43 -20.53
CA VAL A 2 -9.60 16.41 -19.44
C VAL A 2 -8.33 15.73 -19.92
N HIS A 3 -7.19 16.33 -19.60
CA HIS A 3 -5.95 15.79 -20.09
C HIS A 3 -5.21 15.04 -19.03
N TYR A 4 -4.94 13.78 -19.33
CA TYR A 4 -4.16 12.96 -18.42
C TYR A 4 -2.91 12.62 -19.11
N LYS A 5 -1.83 12.63 -18.34
CA LYS A 5 -0.53 12.26 -18.79
C LYS A 5 0.00 11.35 -17.74
N LEU A 6 0.46 10.19 -18.20
CA LEU A 6 1.12 9.24 -17.35
C LEU A 6 2.61 9.22 -17.74
N THR A 7 3.45 9.33 -16.74
CA THR A 7 4.89 9.30 -16.94
C THR A 7 5.45 8.12 -16.20
N TYR A 8 6.09 7.22 -16.95
CA TYR A 8 6.73 6.08 -16.38
C TYR A 8 7.87 5.64 -17.33
N PHE A 9 8.69 4.71 -16.89
CA PHE A 9 9.68 4.10 -17.78
C PHE A 9 8.99 3.30 -18.89
N ASN A 10 9.73 2.90 -19.91
CA ASN A 10 9.12 2.10 -20.96
C ASN A 10 8.99 0.71 -20.43
N GLY A 11 7.75 0.28 -20.27
CA GLY A 11 7.45 -1.08 -19.82
C GLY A 11 6.25 -1.12 -18.91
N ARG A 12 6.02 -2.27 -18.30
CA ARG A 12 4.77 -2.49 -17.63
C ARG A 12 4.93 -1.96 -16.22
N GLY A 13 5.59 -2.75 -15.38
CA GLY A 13 6.04 -2.38 -14.06
C GLY A 13 4.95 -1.84 -13.18
N ALA A 14 5.23 -0.68 -12.58
CA ALA A 14 4.33 -0.08 -11.58
C ALA A 14 3.27 0.82 -12.25
N ALA A 15 3.24 0.85 -13.57
CA ALA A 15 2.27 1.72 -14.21
C ALA A 15 1.26 0.95 -15.06
N GLU A 16 1.41 -0.37 -15.10
CA GLU A 16 0.60 -1.19 -16.01
C GLU A 16 -0.88 -1.16 -15.63
N ILE A 17 -1.19 -1.45 -14.37
CA ILE A 17 -2.57 -1.38 -13.89
C ILE A 17 -3.27 -0.01 -14.18
N ILE A 18 -2.64 1.10 -13.77
CA ILE A 18 -3.06 2.44 -14.18
C ILE A 18 -3.36 2.50 -15.68
N ARG A 19 -2.49 1.90 -16.50
CA ARG A 19 -2.79 1.93 -17.95
C ARG A 19 -4.10 1.22 -18.20
N GLN A 20 -4.27 0.12 -17.48
CA GLN A 20 -5.42 -0.76 -17.62
C GLN A 20 -6.75 -0.09 -17.26
N VAL A 21 -6.83 0.63 -16.14
CA VAL A 21 -8.02 1.44 -15.88
C VAL A 21 -8.37 2.48 -16.94
N PHE A 22 -7.37 3.22 -17.43
CA PHE A 22 -7.55 4.09 -18.58
C PHE A 22 -8.11 3.24 -19.76
N VAL A 23 -7.51 2.09 -20.00
CA VAL A 23 -8.03 1.24 -21.10
C VAL A 23 -9.50 0.82 -20.86
N LEU A 24 -9.80 0.25 -19.70
CA LEU A 24 -11.18 -0.19 -19.34
C LEU A 24 -12.21 0.93 -19.48
N ALA A 25 -11.78 2.15 -19.17
CA ALA A 25 -12.64 3.31 -19.08
C ALA A 25 -12.98 3.93 -20.41
N GLY A 26 -12.48 3.35 -21.51
CA GLY A 26 -12.40 4.05 -22.80
C GLY A 26 -11.73 5.42 -22.73
N GLN A 27 -10.72 5.60 -21.86
CA GLN A 27 -10.24 6.97 -21.57
C GLN A 27 -8.89 7.36 -22.21
N ASP A 28 -8.90 8.43 -23.01
CA ASP A 28 -7.76 8.85 -23.85
C ASP A 28 -6.72 9.73 -23.16
N TYR A 29 -5.56 9.13 -22.90
CA TYR A 29 -4.47 9.72 -22.13
C TYR A 29 -3.12 9.61 -22.83
N GLU A 30 -2.22 10.51 -22.44
CA GLU A 30 -0.86 10.48 -22.93
C GLU A 30 0.03 9.59 -22.07
N ASP A 31 0.50 8.47 -22.63
CA ASP A 31 1.40 7.52 -21.98
CA ASP A 31 1.43 7.64 -21.88
C ASP A 31 2.89 7.82 -22.26
N VAL A 32 3.54 8.65 -21.47
CA VAL A 32 4.92 9.01 -21.74
C VAL A 32 5.81 7.99 -21.08
N ARG A 33 6.62 7.33 -21.90
CA ARG A 33 7.56 6.31 -21.48
C ARG A 33 8.96 6.90 -21.61
N LEU A 34 9.69 6.97 -20.49
CA LEU A 34 10.99 7.63 -20.43
C LEU A 34 12.10 6.59 -20.31
N THR A 35 13.20 6.86 -20.97
CA THR A 35 14.34 5.98 -20.94
C THR A 35 14.99 6.17 -19.58
N HIS A 36 15.77 5.18 -19.18
CA HIS A 36 16.57 5.36 -17.99
C HIS A 36 17.60 6.52 -18.20
N GLU A 37 17.94 6.76 -19.45
CA GLU A 37 18.95 7.73 -19.81
C GLU A 37 18.39 9.16 -19.85
N GLU A 38 17.11 9.29 -20.16
CA GLU A 38 16.40 10.58 -20.20
C GLU A 38 15.96 10.99 -18.79
N TRP A 39 15.75 10.00 -17.93
CA TRP A 39 15.06 10.18 -16.65
C TRP A 39 15.61 11.33 -15.73
N PRO A 40 16.94 11.46 -15.57
CA PRO A 40 17.46 12.58 -14.75
C PRO A 40 17.15 14.01 -15.18
N LYS A 41 16.74 14.22 -16.44
CA LYS A 41 16.24 15.56 -16.83
C LYS A 41 14.84 15.90 -16.29
N HIS A 42 14.05 14.87 -15.98
CA HIS A 42 12.66 15.08 -15.48
C HIS A 42 12.48 14.75 -13.99
N LYS A 43 13.46 14.05 -13.44
CA LYS A 43 13.45 13.59 -12.07
C LYS A 43 13.04 14.63 -11.04
N ALA A 44 13.71 15.79 -11.08
CA ALA A 44 13.45 16.87 -10.10
C ALA A 44 12.04 17.44 -10.26
N SER A 45 11.44 17.24 -11.45
CA SER A 45 10.09 17.72 -11.73
C SER A 45 8.97 16.84 -11.14
N MET A 46 9.32 15.67 -10.58
CA MET A 46 8.32 14.80 -9.93
C MET A 46 8.27 15.08 -8.43
N PRO A 47 7.05 15.04 -7.85
CA PRO A 47 6.67 15.07 -6.44
C PRO A 47 7.65 14.42 -5.47
N PHE A 48 7.85 13.12 -5.59
CA PHE A 48 8.82 12.50 -4.73
C PHE A 48 10.03 11.98 -5.53
N GLY A 49 10.29 12.58 -6.69
CA GLY A 49 11.52 12.27 -7.44
C GLY A 49 11.50 10.82 -7.93
N GLN A 50 10.30 10.39 -8.31
CA GLN A 50 9.93 9.02 -8.48
C GLN A 50 8.91 8.92 -9.63
N LEU A 51 8.85 7.73 -10.23
CA LEU A 51 7.78 7.45 -11.18
C LEU A 51 7.02 6.20 -10.69
N PRO A 52 5.75 6.02 -11.10
CA PRO A 52 4.96 6.76 -12.06
C PRO A 52 4.35 8.00 -11.46
N VAL A 53 4.02 8.95 -12.32
CA VAL A 53 3.32 10.16 -11.93
C VAL A 53 2.22 10.43 -12.91
N LEU A 54 1.02 10.65 -12.38
CA LEU A 54 -0.11 11.17 -13.13
C LEU A 54 -0.28 12.71 -13.12
N GLU A 55 -0.57 13.28 -14.30
CA GLU A 55 -1.09 14.64 -14.35
C GLU A 55 -2.52 14.73 -14.86
N VAL A 56 -3.33 15.52 -14.14
CA VAL A 56 -4.76 15.72 -14.45
C VAL A 56 -4.90 17.20 -14.63
N ASP A 57 -5.39 17.59 -15.80
CA ASP A 57 -5.22 18.93 -16.33
C ASP A 57 -4.09 19.72 -15.64
N GLY A 58 -2.90 19.12 -15.62
CA GLY A 58 -1.69 19.75 -15.09
C GLY A 58 -1.33 19.57 -13.61
N LYS A 59 -2.16 18.83 -12.86
CA LYS A 59 -1.87 18.57 -11.46
C LYS A 59 -1.24 17.20 -11.24
N GLN A 60 -0.14 17.15 -10.50
CA GLN A 60 0.56 15.87 -10.27
C GLN A 60 0.07 14.98 -9.17
N LEU A 61 -0.18 13.71 -9.52
CA LEU A 61 -0.42 12.66 -8.54
C LEU A 61 0.67 11.56 -8.54
N PRO A 62 1.45 11.48 -7.44
CA PRO A 62 2.40 10.38 -7.36
C PRO A 62 1.87 9.06 -6.79
N GLN A 63 2.65 7.98 -7.01
CA GLN A 63 2.64 6.71 -6.28
C GLN A 63 1.63 5.78 -6.98
N SER A 64 2.05 4.57 -7.35
CA SER A 64 1.25 3.69 -8.25
C SER A 64 -0.18 3.38 -7.79
N VAL A 65 -0.33 2.87 -6.57
CA VAL A 65 -1.62 2.48 -5.92
C VAL A 65 -2.57 3.70 -5.68
N ALA A 66 -2.07 4.75 -5.02
CA ALA A 66 -2.76 6.06 -5.08
C ALA A 66 -3.47 6.33 -6.41
N ILE A 67 -2.69 6.41 -7.48
CA ILE A 67 -3.17 6.74 -8.82
C ILE A 67 -4.20 5.71 -9.34
N VAL A 68 -3.85 4.44 -9.28
CA VAL A 68 -4.84 3.32 -9.54
C VAL A 68 -6.20 3.57 -8.82
N ARG A 69 -6.20 3.63 -7.48
CA ARG A 69 -7.42 3.99 -6.69
C ARG A 69 -8.12 5.25 -7.13
N TYR A 70 -7.35 6.27 -7.50
CA TYR A 70 -7.86 7.58 -7.89
C TYR A 70 -8.63 7.55 -9.21
N LEU A 71 -8.02 6.90 -10.19
CA LEU A 71 -8.67 6.73 -11.49
C LEU A 71 -9.86 5.76 -11.48
N ALA A 72 -9.68 4.67 -10.76
CA ALA A 72 -10.72 3.62 -10.58
C ALA A 72 -12.05 4.13 -9.97
N ARG A 73 -11.93 4.93 -8.89
CA ARG A 73 -13.05 5.64 -8.28
C ARG A 73 -13.79 6.52 -9.25
N LYS A 74 -13.06 7.38 -9.95
CA LYS A 74 -13.73 8.33 -10.84
C LYS A 74 -14.39 7.63 -12.03
N PHE A 75 -13.86 6.47 -12.41
CA PHE A 75 -14.35 5.70 -13.57
C PHE A 75 -15.31 4.49 -13.27
N GLY A 76 -15.33 3.98 -12.05
CA GLY A 76 -16.27 2.89 -11.66
C GLY A 76 -15.68 1.48 -11.59
N TYR A 77 -14.43 1.40 -11.18
CA TYR A 77 -13.72 0.14 -11.11
C TYR A 77 -12.99 -0.03 -9.79
N ALA A 78 -13.49 0.65 -8.77
CA ALA A 78 -12.89 0.66 -7.43
C ALA A 78 -13.69 -0.19 -6.45
N GLY A 79 -14.85 -0.69 -6.93
CA GLY A 79 -15.88 -1.37 -6.11
C GLY A 79 -17.27 -0.71 -6.17
N LYS A 80 -18.33 -1.49 -5.98
CA LYS A 80 -19.70 -0.92 -6.18
C LYS A 80 -20.38 -0.28 -4.95
N SER A 81 -19.80 -0.47 -3.78
CA SER A 81 -20.31 0.18 -2.59
C SER A 81 -19.07 0.53 -1.80
N ALA A 82 -19.22 1.33 -0.76
CA ALA A 82 -18.04 1.82 -0.02
C ALA A 82 -17.36 0.68 0.73
N TRP A 83 -18.15 -0.27 1.23
CA TRP A 83 -17.59 -1.47 1.87
C TRP A 83 -16.80 -2.31 0.86
N GLU A 84 -17.32 -2.42 -0.36
CA GLU A 84 -16.70 -3.17 -1.47
C GLU A 84 -15.38 -2.49 -1.86
N GLU A 85 -15.33 -1.17 -1.73
CA GLU A 85 -14.14 -0.43 -2.16
C GLU A 85 -13.00 -0.72 -1.21
N ALA A 86 -13.33 -1.07 0.01
CA ALA A 86 -12.29 -1.29 1.00
C ALA A 86 -11.90 -2.72 0.85
N VAL A 87 -12.88 -3.54 0.54
CA VAL A 87 -12.56 -4.97 0.28
C VAL A 87 -11.51 -5.07 -0.84
N VAL A 88 -11.79 -4.38 -1.93
CA VAL A 88 -10.97 -4.19 -3.12
C VAL A 88 -9.58 -3.68 -2.75
N ASP A 89 -9.56 -2.62 -1.90
CA ASP A 89 -8.33 -2.14 -1.36
C ASP A 89 -7.62 -3.28 -0.64
N SER A 90 -8.29 -4.03 0.23
CA SER A 90 -7.59 -4.99 1.10
C SER A 90 -6.94 -6.12 0.30
N ILE A 91 -7.60 -6.50 -0.79
CA ILE A 91 -7.04 -7.53 -1.74
C ILE A 91 -5.82 -7.04 -2.59
N ALA A 92 -5.94 -5.88 -3.23
CA ALA A 92 -4.77 -5.14 -3.79
C ALA A 92 -3.57 -4.95 -2.83
N ASP A 93 -3.86 -4.82 -1.55
CA ASP A 93 -2.83 -4.62 -0.53
C ASP A 93 -2.19 -6.01 -0.32
N GLN A 94 -3.03 -7.03 -0.23
CA GLN A 94 -2.58 -8.38 0.07
C GLN A 94 -1.74 -8.94 -1.09
N PHE A 95 -2.18 -8.69 -2.32
CA PHE A 95 -1.41 -9.09 -3.51
C PHE A 95 -0.05 -8.41 -3.48
N LYS A 96 -0.05 -7.12 -3.17
CA LYS A 96 1.18 -6.36 -3.06
C LYS A 96 2.17 -6.98 -2.06
N ASP A 97 1.69 -7.48 -0.91
CA ASP A 97 2.59 -8.12 0.06
C ASP A 97 3.10 -9.45 -0.48
N PHE A 98 2.35 -10.01 -1.43
CA PHE A 98 2.76 -11.24 -2.06
C PHE A 98 3.90 -10.89 -2.99
N LEU A 99 3.73 -9.81 -3.75
CA LEU A 99 4.81 -9.24 -4.58
C LEU A 99 6.14 -9.05 -3.84
N ASN A 100 6.08 -8.48 -2.63
CA ASN A 100 7.27 -8.15 -1.86
C ASN A 100 7.99 -9.34 -1.23
N GLU A 101 7.20 -10.25 -0.66
CA GLU A 101 7.72 -11.49 -0.09
C GLU A 101 8.23 -12.42 -1.22
N VAL A 102 8.17 -11.96 -2.46
CA VAL A 102 8.51 -12.83 -3.59
C VAL A 102 9.57 -12.29 -4.56
N ARG A 103 9.95 -11.04 -4.37
CA ARG A 103 11.00 -10.36 -5.16
C ARG A 103 12.34 -11.12 -5.10
N PRO A 104 12.98 -11.24 -3.92
CA PRO A 104 14.25 -11.95 -3.83
C PRO A 104 14.37 -13.22 -4.63
N TYR A 105 13.27 -13.93 -4.84
CA TYR A 105 13.28 -15.12 -5.72
C TYR A 105 12.95 -14.74 -7.18
N PHE A 106 12.43 -13.54 -7.39
CA PHE A 106 12.09 -13.08 -8.74
C PHE A 106 13.36 -12.77 -9.56
N LYS A 107 14.47 -12.49 -8.87
CA LYS A 107 15.70 -12.01 -9.47
C LYS A 107 16.73 -13.12 -9.68
N VAL A 108 16.87 -14.00 -8.70
CA VAL A 108 17.72 -15.20 -8.80
C VAL A 108 17.48 -16.06 -10.07
N LEU A 109 16.56 -15.59 -10.92
CA LEU A 109 16.67 -15.91 -12.34
C LEU A 109 16.82 -14.65 -13.18
N LEU A 110 15.98 -13.66 -12.95
CA LEU A 110 16.12 -12.38 -13.66
C LEU A 110 17.40 -11.62 -13.24
N GLY A 111 17.33 -10.30 -13.18
CA GLY A 111 18.53 -9.50 -12.99
C GLY A 111 19.05 -9.25 -11.59
N MET A 112 19.62 -10.28 -10.94
CA MET A 112 20.68 -10.03 -9.90
C MET A 112 21.26 -11.22 -9.11
N ASP A 113 20.55 -11.64 -8.07
CA ASP A 113 21.18 -12.31 -6.93
C ASP A 113 21.71 -13.74 -7.11
N GLN A 114 22.59 -14.15 -6.17
CA GLN A 114 23.52 -15.29 -6.30
C GLN A 114 23.23 -16.41 -5.28
N GLY A 115 22.08 -17.05 -5.44
CA GLY A 115 21.64 -18.06 -4.47
C GLY A 115 21.25 -19.39 -5.03
N ASP A 116 21.14 -20.37 -4.13
CA ASP A 116 20.46 -21.64 -4.34
C ASP A 116 19.07 -21.22 -4.79
N LEU A 117 18.72 -21.59 -6.02
CA LEU A 117 17.52 -21.11 -6.70
C LEU A 117 16.35 -22.00 -6.28
N LYS A 118 16.66 -23.29 -6.17
CA LYS A 118 15.69 -24.33 -5.84
C LYS A 118 15.21 -24.19 -4.40
N ALA A 119 16.09 -23.76 -3.49
CA ALA A 119 15.70 -23.58 -2.09
C ALA A 119 15.25 -22.16 -1.74
N LEU A 120 15.04 -21.33 -2.75
CA LEU A 120 14.35 -20.05 -2.59
C LEU A 120 12.95 -20.22 -3.19
N GLU A 121 12.90 -20.95 -4.30
CA GLU A 121 11.65 -21.48 -4.76
C GLU A 121 10.92 -22.07 -3.58
N LYS A 122 11.55 -23.03 -2.89
CA LYS A 122 10.89 -23.82 -1.84
C LYS A 122 10.86 -23.25 -0.40
N ASP A 123 11.72 -22.30 -0.04
CA ASP A 123 11.67 -21.70 1.33
C ASP A 123 11.19 -20.24 1.34
N VAL A 124 10.94 -19.69 0.16
CA VAL A 124 10.35 -18.36 0.02
C VAL A 124 9.08 -18.39 -0.86
N PHE A 125 9.26 -18.73 -2.14
CA PHE A 125 8.24 -18.55 -3.18
C PHE A 125 7.02 -19.46 -3.07
N GLU A 126 7.26 -20.74 -2.85
CA GLU A 126 6.17 -21.71 -2.93
C GLU A 126 5.26 -21.65 -1.69
N PRO A 127 5.85 -21.55 -0.48
CA PRO A 127 4.93 -21.35 0.64
C PRO A 127 4.28 -19.97 0.61
N ALA A 128 4.74 -19.12 -0.32
CA ALA A 128 4.14 -17.79 -0.54
C ALA A 128 3.06 -17.88 -1.59
N ARG A 129 3.28 -18.75 -2.59
CA ARG A 129 2.32 -18.95 -3.67
C ARG A 129 1.13 -19.76 -3.13
N GLN A 130 1.42 -20.75 -2.30
CA GLN A 130 0.40 -21.49 -1.56
C GLN A 130 -0.56 -20.58 -0.77
N LYS A 131 0.03 -19.68 0.02
CA LYS A 131 -0.72 -18.75 0.85
C LYS A 131 -1.69 -17.94 0.00
N PHE A 132 -1.16 -17.20 -0.97
CA PHE A 132 -1.97 -16.24 -1.70
C PHE A 132 -2.96 -16.90 -2.64
N PHE A 133 -2.52 -17.89 -3.38
CA PHE A 133 -3.38 -18.53 -4.34
C PHE A 133 -4.47 -19.34 -3.63
N THR A 134 -4.23 -19.81 -2.41
CA THR A 134 -5.35 -20.46 -1.69
C THR A 134 -6.32 -19.38 -1.18
N ILE A 135 -5.78 -18.27 -0.66
CA ILE A 135 -6.59 -17.07 -0.41
C ILE A 135 -7.45 -16.70 -1.62
N VAL A 136 -6.84 -16.35 -2.75
CA VAL A 136 -7.59 -15.97 -3.94
C VAL A 136 -8.65 -17.07 -4.31
N THR A 137 -8.28 -18.33 -4.21
CA THR A 137 -9.24 -19.36 -4.71
C THR A 137 -10.49 -19.42 -3.80
N LYS A 138 -10.28 -19.19 -2.51
CA LYS A 138 -11.36 -19.02 -1.50
C LYS A 138 -12.30 -17.84 -1.78
N ILE A 139 -11.73 -16.65 -2.04
CA ILE A 139 -12.50 -15.46 -2.39
C ILE A 139 -13.32 -15.62 -3.68
N LEU A 140 -12.69 -16.19 -4.69
CA LEU A 140 -13.40 -16.49 -5.91
C LEU A 140 -14.63 -17.35 -5.58
N LYS A 141 -14.43 -18.46 -4.88
CA LYS A 141 -15.47 -19.43 -4.53
C LYS A 141 -16.67 -18.77 -3.82
N GLU A 142 -16.40 -18.04 -2.75
CA GLU A 142 -17.46 -17.34 -2.05
C GLU A 142 -18.22 -16.31 -2.89
N ASN A 143 -17.52 -15.41 -3.57
CA ASN A 143 -18.18 -14.39 -4.42
C ASN A 143 -18.92 -14.90 -5.65
N LYS A 144 -18.51 -16.08 -6.11
CA LYS A 144 -19.18 -16.88 -7.16
C LYS A 144 -19.61 -16.27 -8.51
N THR A 145 -19.04 -15.11 -8.86
CA THR A 145 -19.33 -14.41 -10.13
C THR A 145 -18.24 -14.61 -11.19
N GLY A 146 -17.22 -15.42 -10.88
CA GLY A 146 -15.95 -15.38 -11.60
C GLY A 146 -15.01 -14.25 -11.13
N TYR A 147 -15.56 -13.13 -10.63
CA TYR A 147 -14.74 -11.95 -10.17
C TYR A 147 -14.44 -11.94 -8.67
N LEU A 148 -13.48 -11.11 -8.24
CA LEU A 148 -13.09 -11.17 -6.83
C LEU A 148 -14.08 -10.51 -5.89
N VAL A 149 -14.78 -9.49 -6.37
CA VAL A 149 -15.55 -8.60 -5.51
C VAL A 149 -16.70 -8.07 -6.37
N GLY A 150 -17.92 -8.26 -5.90
CA GLY A 150 -19.10 -7.83 -6.65
C GLY A 150 -19.18 -8.65 -7.92
N ASP A 151 -19.57 -8.03 -9.03
CA ASP A 151 -19.69 -8.77 -10.31
C ASP A 151 -19.39 -7.96 -11.57
N SER A 152 -18.46 -7.02 -11.44
CA SER A 152 -18.00 -6.19 -12.56
C SER A 152 -16.50 -6.13 -12.25
N LEU A 153 -15.71 -5.68 -13.21
CA LEU A 153 -14.28 -5.67 -13.01
C LEU A 153 -13.96 -4.62 -11.93
N THR A 154 -13.06 -4.95 -11.03
CA THR A 154 -12.42 -3.92 -10.17
C THR A 154 -10.89 -3.92 -10.37
N PHE A 155 -10.12 -2.99 -9.76
CA PHE A 155 -8.67 -2.94 -10.08
C PHE A 155 -7.98 -4.05 -9.31
N ALA A 156 -8.70 -4.61 -8.33
CA ALA A 156 -8.19 -5.76 -7.60
C ALA A 156 -8.04 -7.00 -8.52
N ASP A 157 -9.02 -7.16 -9.41
CA ASP A 157 -8.92 -8.06 -10.58
C ASP A 157 -7.70 -7.73 -11.45
N LEU A 158 -7.48 -6.45 -11.74
CA LEU A 158 -6.41 -6.09 -12.64
C LEU A 158 -5.06 -6.51 -12.10
N TYR A 159 -4.89 -6.41 -10.78
CA TYR A 159 -3.54 -6.57 -10.22
C TYR A 159 -3.15 -8.03 -10.16
N VAL A 160 -4.08 -8.90 -9.78
CA VAL A 160 -3.65 -10.26 -9.60
C VAL A 160 -3.57 -11.00 -10.94
N ALA A 161 -4.38 -10.59 -11.89
CA ALA A 161 -4.52 -11.31 -13.18
C ALA A 161 -3.35 -10.99 -14.11
N GLU A 162 -2.77 -9.79 -13.92
CA GLU A 162 -1.59 -9.35 -14.65
C GLU A 162 -0.29 -10.08 -14.25
N MET A 163 -0.16 -10.56 -13.02
CA MET A 163 0.99 -11.41 -12.65
C MET A 163 1.04 -12.75 -13.40
N GLY A 164 0.16 -12.92 -14.38
CA GLY A 164 0.23 -14.03 -15.33
C GLY A 164 1.33 -13.84 -16.37
N PHE A 165 1.99 -12.69 -16.33
CA PHE A 165 3.05 -12.45 -17.29
C PHE A 165 4.40 -12.81 -16.76
N THR A 166 4.42 -13.63 -15.72
CA THR A 166 5.70 -14.05 -15.24
C THR A 166 5.86 -15.52 -15.62
N GLU A 167 5.43 -15.87 -16.85
CA GLU A 167 5.53 -17.27 -17.35
C GLU A 167 6.95 -17.79 -17.55
N HIS A 168 7.93 -16.99 -17.07
CA HIS A 168 9.21 -17.50 -16.59
C HIS A 168 8.94 -18.62 -15.59
N TYR A 169 7.75 -18.59 -15.00
CA TYR A 169 7.24 -19.68 -14.17
C TYR A 169 5.97 -20.24 -14.81
N PRO A 170 6.12 -21.27 -15.67
CA PRO A 170 4.99 -21.91 -16.36
C PRO A 170 3.98 -22.58 -15.44
N LYS A 171 4.47 -23.12 -14.31
CA LYS A 171 3.64 -23.87 -13.35
C LYS A 171 3.13 -22.96 -12.20
N LEU A 172 2.88 -21.71 -12.53
CA LEU A 172 2.48 -20.69 -11.56
C LEU A 172 1.16 -21.04 -10.86
N TYR A 173 0.04 -21.14 -11.58
CA TYR A 173 -1.17 -21.59 -10.90
C TYR A 173 -1.49 -23.06 -11.17
N ASP A 174 -0.52 -23.94 -10.87
CA ASP A 174 -0.63 -25.38 -11.12
C ASP A 174 -1.82 -25.98 -10.34
N GLY A 175 -1.67 -26.20 -9.04
CA GLY A 175 -2.78 -26.68 -8.23
C GLY A 175 -3.86 -25.64 -7.95
N PHE A 176 -4.09 -24.72 -8.88
CA PHE A 176 -5.07 -23.64 -8.70
C PHE A 176 -5.77 -23.20 -9.97
N PRO A 177 -6.60 -24.08 -10.59
CA PRO A 177 -7.29 -23.72 -11.84
C PRO A 177 -8.30 -22.61 -11.70
N GLU A 178 -8.79 -22.34 -10.49
CA GLU A 178 -9.69 -21.21 -10.37
C GLU A 178 -8.98 -19.88 -10.52
N VAL A 179 -7.75 -19.82 -10.01
CA VAL A 179 -6.94 -18.60 -10.14
C VAL A 179 -6.70 -18.40 -11.62
N LYS A 180 -6.08 -19.42 -12.24
CA LYS A 180 -5.81 -19.39 -13.68
C LYS A 180 -6.99 -18.92 -14.52
N ALA A 181 -8.20 -19.33 -14.19
CA ALA A 181 -9.36 -18.93 -14.99
C ALA A 181 -9.85 -17.51 -14.69
N HIS A 182 -9.55 -17.02 -13.49
CA HIS A 182 -9.89 -15.64 -13.17
C HIS A 182 -9.22 -14.75 -14.18
N ALA A 183 -7.92 -14.96 -14.32
CA ALA A 183 -7.05 -14.12 -15.11
C ALA A 183 -7.31 -14.31 -16.61
N GLU A 184 -7.86 -15.46 -17.00
CA GLU A 184 -8.32 -15.63 -18.37
C GLU A 184 -9.55 -14.74 -18.55
N LYS A 185 -10.48 -14.82 -17.60
CA LYS A 185 -11.75 -14.06 -17.64
C LYS A 185 -11.54 -12.56 -17.59
N VAL A 186 -10.63 -12.11 -16.73
CA VAL A 186 -10.26 -10.65 -16.75
C VAL A 186 -9.72 -10.22 -18.10
N ARG A 187 -8.71 -10.94 -18.59
CA ARG A 187 -8.08 -10.55 -19.84
C ARG A 187 -8.90 -10.94 -21.07
N SER A 188 -10.08 -11.51 -20.83
CA SER A 188 -11.00 -11.86 -21.91
C SER A 188 -11.92 -10.67 -22.16
N ASN A 189 -12.04 -9.82 -21.13
CA ASN A 189 -12.60 -8.50 -21.32
C ASN A 189 -12.05 -7.88 -22.63
N PRO A 190 -12.93 -7.33 -23.50
CA PRO A 190 -12.56 -6.87 -24.83
C PRO A 190 -11.62 -5.65 -24.89
N LYS A 191 -11.82 -4.67 -24.02
CA LYS A 191 -10.98 -3.47 -24.02
C LYS A 191 -9.54 -3.85 -23.71
N LEU A 192 -9.36 -4.63 -22.64
CA LEU A 192 -8.09 -5.15 -22.15
C LEU A 192 -7.45 -6.14 -23.11
N LYS A 193 -8.27 -6.98 -23.74
CA LYS A 193 -7.75 -8.05 -24.61
C LYS A 193 -6.85 -7.45 -25.69
N LYS A 194 -7.38 -6.45 -26.40
CA LYS A 194 -6.78 -5.63 -27.45
C LYS A 194 -5.62 -4.71 -26.99
N TRP A 195 -5.68 -4.25 -25.73
CA TRP A 195 -4.55 -3.65 -25.03
C TRP A 195 -3.38 -4.63 -24.90
N ILE A 196 -3.61 -5.77 -24.26
CA ILE A 196 -2.52 -6.76 -24.16
C ILE A 196 -2.03 -7.32 -25.52
N GLU A 197 -2.78 -7.07 -26.59
CA GLU A 197 -2.38 -7.49 -27.94
C GLU A 197 -1.56 -6.42 -28.64
N THR A 198 -1.68 -5.18 -28.19
CA THR A 198 -1.16 -4.07 -28.95
C THR A 198 -0.31 -3.17 -28.05
N ARG A 199 0.04 -3.68 -26.88
CA ARG A 199 0.89 -2.91 -25.97
C ARG A 199 2.32 -3.34 -26.19
N PRO A 200 3.25 -2.39 -26.02
CA PRO A 200 4.65 -2.68 -26.19
C PRO A 200 5.08 -3.89 -25.40
N ALA A 201 5.87 -4.77 -26.03
CA ALA A 201 6.48 -5.86 -25.28
C ALA A 201 7.56 -5.20 -24.43
N SER A 202 7.74 -5.71 -23.23
CA SER A 202 8.89 -5.30 -22.43
C SER A 202 9.39 -6.47 -21.63
N LYS A 203 10.60 -6.32 -21.10
CA LYS A 203 11.19 -7.34 -20.23
C LYS A 203 10.71 -7.09 -18.79
N PHE A 204 10.16 -5.91 -18.57
CA PHE A 204 9.80 -5.33 -17.26
CA PHE A 204 9.63 -5.63 -17.23
C PHE A 204 8.35 -4.81 -17.30
N MET B 1 -25.38 0.68 18.67
CA MET B 1 -25.05 1.68 17.61
C MET B 1 -24.42 0.94 16.41
N VAL B 2 -23.12 1.06 16.16
CA VAL B 2 -22.42 0.07 15.31
C VAL B 2 -21.43 -0.57 16.24
N HIS B 3 -21.34 -1.90 16.21
CA HIS B 3 -20.28 -2.57 16.94
C HIS B 3 -18.97 -2.76 16.17
N TYR B 4 -17.92 -2.05 16.62
CA TYR B 4 -16.60 -2.14 15.96
C TYR B 4 -15.65 -3.00 16.77
N LYS B 5 -14.93 -3.90 16.12
CA LYS B 5 -13.94 -4.69 16.83
C LYS B 5 -12.63 -4.71 16.06
N LEU B 6 -11.55 -4.26 16.71
CA LEU B 6 -10.20 -4.37 16.15
C LEU B 6 -9.46 -5.49 16.84
N THR B 7 -8.90 -6.41 16.07
CA THR B 7 -8.02 -7.45 16.65
C THR B 7 -6.59 -7.28 16.20
N TYR B 8 -5.67 -7.36 17.17
CA TYR B 8 -4.25 -7.23 16.86
C TYR B 8 -3.41 -7.78 18.01
N PHE B 9 -2.11 -7.80 17.80
CA PHE B 9 -1.22 -8.27 18.82
C PHE B 9 -1.15 -7.19 19.91
N ASN B 10 -0.43 -7.47 20.98
CA ASN B 10 -0.40 -6.52 22.09
C ASN B 10 0.70 -5.52 21.78
N GLY B 11 0.35 -4.45 21.06
CA GLY B 11 1.33 -3.44 20.66
C GLY B 11 0.74 -2.43 19.70
N ARG B 12 1.56 -1.49 19.24
CA ARG B 12 1.12 -0.46 18.32
C ARG B 12 1.11 -1.01 16.89
N GLY B 13 2.29 -1.47 16.46
CA GLY B 13 2.55 -2.01 15.12
C GLY B 13 1.63 -1.56 14.00
N ALA B 14 1.08 -2.57 13.30
CA ALA B 14 0.30 -2.32 12.10
C ALA B 14 -1.03 -1.68 12.41
N ALA B 15 -1.43 -1.73 13.68
CA ALA B 15 -2.75 -1.35 14.12
C ALA B 15 -2.89 0.05 14.70
N GLU B 16 -1.81 0.59 15.24
CA GLU B 16 -1.90 1.86 15.97
C GLU B 16 -2.70 2.92 15.27
N ILE B 17 -2.55 3.09 13.97
CA ILE B 17 -3.21 4.21 13.31
C ILE B 17 -4.72 4.00 13.12
N ILE B 18 -5.13 2.78 12.78
CA ILE B 18 -6.55 2.38 12.95
C ILE B 18 -7.01 2.83 14.36
N ARG B 19 -6.23 2.55 15.39
CA ARG B 19 -6.70 2.92 16.72
C ARG B 19 -6.82 4.41 16.96
N GLN B 20 -6.07 5.20 16.20
CA GLN B 20 -6.09 6.66 16.35
C GLN B 20 -7.20 7.33 15.54
N VAL B 21 -7.64 6.69 14.47
CA VAL B 21 -8.73 7.26 13.69
C VAL B 21 -9.97 7.19 14.57
N PHE B 22 -10.13 6.05 15.22
CA PHE B 22 -11.14 5.84 16.23
C PHE B 22 -11.08 6.92 17.36
N VAL B 23 -9.97 6.97 18.09
CA VAL B 23 -9.88 8.01 19.15
C VAL B 23 -10.34 9.40 18.65
N LEU B 24 -9.85 9.78 17.46
CA LEU B 24 -10.15 11.06 16.81
CA LEU B 24 -10.15 11.07 16.84
C LEU B 24 -11.63 11.31 16.61
N ALA B 25 -12.33 10.27 16.15
CA ALA B 25 -13.76 10.34 15.88
C ALA B 25 -14.61 10.26 17.15
N GLY B 26 -13.98 9.95 18.29
CA GLY B 26 -14.69 9.63 19.52
C GLY B 26 -15.68 8.49 19.36
N GLN B 27 -15.32 7.51 18.52
CA GLN B 27 -16.07 6.27 18.33
C GLN B 27 -15.36 5.26 19.21
N ASP B 28 -16.06 4.47 20.00
CA ASP B 28 -15.30 3.38 20.60
C ASP B 28 -15.58 2.01 19.96
N TYR B 29 -14.82 1.03 20.38
CA TYR B 29 -14.64 -0.18 19.57
C TYR B 29 -13.90 -1.04 20.52
N GLU B 30 -14.04 -2.32 20.35
CA GLU B 30 -13.38 -3.23 21.22
C GLU B 30 -11.96 -3.48 20.75
N ASP B 31 -11.01 -3.12 21.61
CA ASP B 31 -9.57 -3.26 21.35
C ASP B 31 -9.06 -4.64 21.78
N VAL B 32 -9.30 -5.67 20.95
CA VAL B 32 -8.82 -7.04 21.22
C VAL B 32 -7.31 -7.20 20.94
N ARG B 33 -6.54 -7.53 21.97
CA ARG B 33 -5.11 -7.66 21.82
C ARG B 33 -4.75 -9.08 22.18
N LEU B 34 -4.24 -9.80 21.21
CA LEU B 34 -3.91 -11.20 21.44
C LEU B 34 -2.43 -11.38 21.78
N THR B 35 -2.13 -12.40 22.56
CA THR B 35 -0.72 -12.73 22.77
C THR B 35 -0.31 -13.58 21.56
N HIS B 36 0.99 -13.75 21.34
CA HIS B 36 1.43 -14.61 20.21
C HIS B 36 1.07 -16.07 20.45
N GLU B 37 0.81 -16.35 21.71
CA GLU B 37 0.58 -17.68 22.19
C GLU B 37 -0.88 -18.11 21.97
N GLU B 38 -1.78 -17.13 22.05
CA GLU B 38 -3.21 -17.29 21.84
C GLU B 38 -3.51 -17.37 20.38
N TRP B 39 -2.74 -16.63 19.58
CA TRP B 39 -2.99 -16.43 18.16
C TRP B 39 -3.35 -17.68 17.30
N PRO B 40 -2.66 -18.83 17.46
CA PRO B 40 -3.10 -19.99 16.65
C PRO B 40 -4.57 -20.43 16.87
N LYS B 41 -5.14 -20.06 18.01
CA LYS B 41 -6.56 -20.21 18.25
C LYS B 41 -7.44 -19.26 17.43
N HIS B 42 -6.91 -18.20 16.84
CA HIS B 42 -7.78 -17.24 16.12
C HIS B 42 -7.53 -17.19 14.61
N LYS B 43 -6.42 -17.79 14.18
CA LYS B 43 -5.82 -17.52 12.85
C LYS B 43 -6.65 -17.93 11.61
N ALA B 44 -7.32 -19.07 11.71
CA ALA B 44 -8.21 -19.55 10.64
C ALA B 44 -9.47 -18.67 10.51
N SER B 45 -9.87 -18.01 11.60
CA SER B 45 -11.03 -17.13 11.59
C SER B 45 -10.84 -15.86 10.77
N MET B 46 -9.58 -15.44 10.63
CA MET B 46 -9.23 -14.24 9.86
C MET B 46 -9.12 -14.51 8.35
N PRO B 47 -9.67 -13.57 7.54
CA PRO B 47 -9.63 -13.43 6.09
C PRO B 47 -8.35 -13.90 5.43
N PHE B 48 -7.21 -13.39 5.90
CA PHE B 48 -5.94 -13.79 5.31
C PHE B 48 -5.03 -14.56 6.28
N GLY B 49 -5.55 -15.00 7.42
CA GLY B 49 -4.68 -15.54 8.48
C GLY B 49 -3.72 -14.47 9.02
N GLN B 50 -4.14 -13.22 8.96
CA GLN B 50 -3.26 -12.11 9.32
C GLN B 50 -4.01 -11.07 10.20
N LEU B 51 -3.25 -10.31 10.99
CA LEU B 51 -3.79 -9.17 11.75
C LEU B 51 -3.18 -7.83 11.27
N PRO B 52 -3.88 -6.69 11.50
CA PRO B 52 -5.18 -6.49 12.11
C PRO B 52 -6.35 -6.93 11.24
N VAL B 53 -7.41 -7.38 11.89
CA VAL B 53 -8.71 -7.46 11.25
C VAL B 53 -9.67 -6.57 12.04
N LEU B 54 -10.40 -5.75 11.29
CA LEU B 54 -11.57 -5.05 11.78
C LEU B 54 -12.88 -5.84 11.54
N GLU B 55 -13.68 -6.00 12.58
CA GLU B 55 -15.10 -6.36 12.40
C GLU B 55 -16.03 -5.16 12.54
N VAL B 56 -16.95 -5.02 11.58
CA VAL B 56 -17.96 -3.96 11.58
C VAL B 56 -19.33 -4.66 11.62
N ASP B 57 -19.87 -4.81 12.84
CA ASP B 57 -21.12 -5.59 13.11
C ASP B 57 -21.01 -6.98 12.48
N GLY B 58 -20.01 -7.75 12.89
CA GLY B 58 -19.88 -9.11 12.39
C GLY B 58 -18.99 -9.32 11.17
N LYS B 59 -18.98 -8.37 10.23
CA LYS B 59 -18.21 -8.57 8.99
C LYS B 59 -16.78 -7.96 8.96
N GLN B 60 -15.86 -8.82 8.52
CA GLN B 60 -14.41 -8.65 8.64
C GLN B 60 -13.79 -7.86 7.50
N LEU B 61 -13.00 -6.85 7.84
CA LEU B 61 -12.11 -6.21 6.86
C LEU B 61 -10.65 -6.43 7.27
N PRO B 62 -9.84 -7.04 6.35
CA PRO B 62 -8.44 -7.22 6.64
C PRO B 62 -7.58 -6.09 6.04
N GLN B 63 -6.30 -6.04 6.43
CA GLN B 63 -5.25 -5.18 5.85
C GLN B 63 -5.24 -3.76 6.45
N SER B 64 -4.29 -3.55 7.35
CA SER B 64 -4.19 -2.31 8.17
C SER B 64 -4.49 -1.03 7.42
N VAL B 65 -3.92 -0.85 6.24
CA VAL B 65 -4.15 0.38 5.49
C VAL B 65 -5.55 0.45 4.82
N ALA B 66 -6.02 -0.66 4.25
CA ALA B 66 -7.43 -0.78 3.83
C ALA B 66 -8.35 -0.32 5.01
N ILE B 67 -8.07 -0.85 6.18
CA ILE B 67 -8.93 -0.57 7.35
C ILE B 67 -8.80 0.95 7.63
N VAL B 68 -7.56 1.42 7.79
CA VAL B 68 -7.33 2.87 8.04
C VAL B 68 -8.14 3.73 7.11
N ARG B 69 -8.09 3.45 5.80
CA ARG B 69 -8.81 4.28 4.86
C ARG B 69 -10.31 4.21 4.99
N TYR B 70 -10.83 2.99 5.26
CA TYR B 70 -12.28 2.74 5.41
C TYR B 70 -12.80 3.61 6.55
N LEU B 71 -12.09 3.56 7.66
CA LEU B 71 -12.45 4.37 8.82
C LEU B 71 -12.36 5.87 8.62
N ALA B 72 -11.26 6.33 8.04
CA ALA B 72 -11.06 7.79 7.89
C ALA B 72 -12.10 8.34 6.92
N ARG B 73 -12.44 7.52 5.91
CA ARG B 73 -13.45 7.89 4.94
C ARG B 73 -14.79 8.14 5.57
N LYS B 74 -15.14 7.26 6.49
CA LYS B 74 -16.42 7.26 7.19
C LYS B 74 -16.42 8.42 8.20
N PHE B 75 -15.32 8.58 8.94
CA PHE B 75 -15.24 9.59 10.01
C PHE B 75 -14.73 10.97 9.62
N GLY B 76 -14.43 11.12 8.35
CA GLY B 76 -13.94 12.39 7.75
C GLY B 76 -12.47 12.83 7.89
N TYR B 77 -11.57 11.86 8.14
CA TYR B 77 -10.09 12.11 8.19
C TYR B 77 -9.25 11.48 7.00
N ALA B 78 -9.80 11.56 5.81
CA ALA B 78 -9.15 10.86 4.69
C ALA B 78 -8.75 11.86 3.66
N GLY B 79 -9.10 13.12 3.92
CA GLY B 79 -8.96 14.15 2.93
C GLY B 79 -10.30 14.73 2.61
N LYS B 80 -10.27 16.01 2.29
CA LYS B 80 -11.46 16.83 2.19
C LYS B 80 -12.03 17.12 0.80
N SER B 81 -11.51 16.45 -0.24
CA SER B 81 -12.13 16.42 -1.61
C SER B 81 -11.63 15.11 -2.23
N ALA B 82 -12.21 14.64 -3.34
CA ALA B 82 -11.65 13.42 -3.95
C ALA B 82 -10.16 13.60 -4.23
N TRP B 83 -9.79 14.64 -4.97
CA TRP B 83 -8.35 14.99 -5.16
C TRP B 83 -7.48 14.85 -3.91
N GLU B 84 -7.81 15.62 -2.88
CA GLU B 84 -7.14 15.50 -1.60
C GLU B 84 -7.09 14.11 -1.05
N GLU B 85 -8.20 13.35 -1.14
CA GLU B 85 -8.14 12.01 -0.62
C GLU B 85 -6.92 11.30 -1.20
N ALA B 86 -6.63 11.52 -2.48
CA ALA B 86 -5.70 10.66 -3.29
C ALA B 86 -4.29 11.13 -2.89
N VAL B 87 -4.20 12.43 -2.83
CA VAL B 87 -3.00 13.05 -2.27
C VAL B 87 -2.61 12.38 -0.96
N VAL B 88 -3.60 12.11 -0.09
CA VAL B 88 -3.34 11.55 1.25
C VAL B 88 -2.86 10.13 1.02
N ASP B 89 -3.54 9.39 0.16
CA ASP B 89 -3.00 8.10 -0.24
C ASP B 89 -1.55 8.08 -0.65
N SER B 90 -1.16 8.98 -1.53
CA SER B 90 0.21 8.99 -2.01
C SER B 90 1.22 9.22 -0.86
N ILE B 91 0.90 10.13 0.04
CA ILE B 91 1.88 10.50 1.08
C ILE B 91 1.99 9.35 2.08
N ALA B 92 0.89 8.66 2.37
CA ALA B 92 1.04 7.51 3.25
C ALA B 92 1.69 6.30 2.57
N ASP B 93 1.49 6.21 1.25
CA ASP B 93 2.23 5.27 0.39
C ASP B 93 3.74 5.57 0.53
N GLN B 94 4.13 6.82 0.24
CA GLN B 94 5.54 7.24 0.37
C GLN B 94 6.11 7.00 1.77
N PHE B 95 5.28 7.17 2.79
CA PHE B 95 5.70 6.79 4.12
C PHE B 95 5.85 5.31 4.41
N LYS B 96 4.93 4.47 3.94
CA LYS B 96 5.17 3.05 4.02
C LYS B 96 6.51 2.67 3.37
N ASP B 97 6.82 3.29 2.23
CA ASP B 97 8.08 3.06 1.50
C ASP B 97 9.28 3.47 2.35
N PHE B 98 9.22 4.67 2.92
CA PHE B 98 10.23 5.08 3.89
C PHE B 98 10.49 4.00 4.95
N LEU B 99 9.47 3.26 5.38
CA LEU B 99 9.67 2.21 6.40
C LEU B 99 10.26 0.90 5.91
N ASN B 100 9.74 0.41 4.80
CA ASN B 100 10.18 -0.85 4.24
C ASN B 100 11.68 -0.72 3.97
N GLU B 101 12.02 0.42 3.40
CA GLU B 101 13.37 0.76 3.06
C GLU B 101 14.24 0.80 4.33
N VAL B 102 13.66 1.33 5.42
CA VAL B 102 14.36 1.53 6.68
C VAL B 102 14.41 0.30 7.61
N ARG B 103 13.33 -0.48 7.67
CA ARG B 103 13.13 -1.52 8.70
C ARG B 103 14.39 -2.32 9.08
N PRO B 104 15.06 -2.97 8.08
CA PRO B 104 16.10 -3.92 8.47
C PRO B 104 17.39 -3.28 9.01
N TYR B 105 17.35 -1.97 9.28
CA TYR B 105 18.40 -1.29 10.04
C TYR B 105 18.12 -1.13 11.54
N PHE B 106 16.90 -0.72 11.90
CA PHE B 106 16.63 -0.12 13.25
C PHE B 106 17.02 -0.88 14.53
N LYS B 107 18.29 -0.74 14.94
CA LYS B 107 18.97 -1.67 15.87
C LYS B 107 19.08 -3.10 15.31
N VAL B 108 19.21 -3.21 13.99
CA VAL B 108 19.44 -4.48 13.24
C VAL B 108 18.77 -5.72 13.84
N LEU B 109 19.46 -6.87 13.75
CA LEU B 109 19.04 -8.11 14.39
C LEU B 109 17.62 -8.47 13.97
N LEU B 110 17.44 -8.66 12.67
CA LEU B 110 16.16 -9.09 12.12
C LEU B 110 15.95 -10.58 12.38
N GLY B 111 16.69 -11.06 13.37
CA GLY B 111 16.82 -12.45 13.75
C GLY B 111 17.71 -12.51 14.99
N MET B 112 18.86 -13.20 14.89
CA MET B 112 19.72 -13.37 16.07
C MET B 112 20.63 -12.17 16.22
N ASP B 113 20.85 -11.75 17.47
CA ASP B 113 21.68 -10.57 17.78
C ASP B 113 22.63 -10.32 16.63
N GLN B 114 23.62 -11.20 16.51
CA GLN B 114 24.63 -11.17 15.47
C GLN B 114 24.00 -10.98 14.08
N GLY B 115 23.66 -9.72 13.80
CA GLY B 115 23.28 -9.26 12.46
C GLY B 115 24.17 -8.06 12.27
N ASP B 116 24.71 -7.88 11.06
CA ASP B 116 25.77 -6.88 10.82
C ASP B 116 25.32 -5.46 11.13
N LEU B 117 26.26 -4.68 11.65
CA LEU B 117 25.96 -3.67 12.65
C LEU B 117 25.96 -2.18 12.24
N LYS B 118 26.50 -1.83 11.06
CA LYS B 118 26.55 -0.39 10.66
C LYS B 118 27.24 0.03 9.35
N ALA B 119 27.21 -0.83 8.33
CA ALA B 119 27.30 -0.27 7.00
C ALA B 119 26.00 0.54 6.84
N LEU B 120 24.96 -0.01 7.49
CA LEU B 120 23.55 0.37 7.31
C LEU B 120 23.17 1.84 7.60
N GLU B 121 23.56 2.33 8.77
CA GLU B 121 23.15 3.69 9.16
C GLU B 121 23.39 4.74 8.09
N LYS B 122 24.54 4.73 7.44
CA LYS B 122 24.63 5.66 6.32
C LYS B 122 24.37 5.12 4.93
N ASP B 123 24.59 3.83 4.69
CA ASP B 123 24.33 3.27 3.32
C ASP B 123 22.85 3.32 2.93
N VAL B 124 21.99 3.17 3.94
CA VAL B 124 20.56 2.97 3.68
C VAL B 124 19.75 4.05 4.39
N PHE B 125 19.95 4.16 5.71
CA PHE B 125 19.05 4.93 6.56
C PHE B 125 19.05 6.38 6.20
N GLU B 126 20.19 7.05 6.39
CA GLU B 126 20.23 8.49 6.22
C GLU B 126 19.88 9.00 4.82
N PRO B 127 20.34 8.31 3.73
CA PRO B 127 19.89 8.71 2.39
C PRO B 127 18.37 8.85 2.27
N ALA B 128 17.64 8.08 3.10
CA ALA B 128 16.17 7.99 3.06
C ALA B 128 15.49 8.95 4.01
N ARG B 129 16.06 9.04 5.22
CA ARG B 129 15.60 9.98 6.22
C ARG B 129 15.72 11.34 5.56
N GLN B 130 16.89 11.58 5.00
CA GLN B 130 17.06 12.78 4.18
C GLN B 130 16.02 12.89 3.05
N LYS B 131 15.90 11.88 2.21
CA LYS B 131 14.93 11.91 1.11
C LYS B 131 13.53 12.30 1.65
N PHE B 132 13.05 11.49 2.59
CA PHE B 132 11.66 11.60 3.06
C PHE B 132 11.44 12.87 3.92
N PHE B 133 12.32 13.12 4.87
CA PHE B 133 12.04 14.29 5.71
C PHE B 133 12.11 15.58 4.91
N THR B 134 13.01 15.65 3.93
CA THR B 134 13.03 16.76 2.99
C THR B 134 11.73 16.76 2.15
N ILE B 135 11.18 15.59 1.86
CA ILE B 135 9.92 15.53 1.12
C ILE B 135 8.82 16.15 1.96
N VAL B 136 8.61 15.60 3.15
CA VAL B 136 7.62 16.13 4.09
C VAL B 136 7.85 17.64 4.31
N THR B 137 9.11 18.03 4.61
CA THR B 137 9.39 19.47 4.88
C THR B 137 8.81 20.39 3.81
N LYS B 138 9.09 20.07 2.56
CA LYS B 138 8.56 20.79 1.39
C LYS B 138 7.03 20.75 1.23
N ILE B 139 6.43 19.60 1.46
CA ILE B 139 4.96 19.49 1.45
C ILE B 139 4.34 20.43 2.51
N LEU B 140 4.81 20.33 3.75
CA LEU B 140 4.38 21.27 4.81
C LEU B 140 4.44 22.73 4.40
N LYS B 141 5.59 23.15 3.90
CA LYS B 141 5.79 24.53 3.44
C LYS B 141 4.80 24.95 2.33
N GLU B 142 4.62 24.11 1.29
CA GLU B 142 3.69 24.42 0.19
C GLU B 142 2.26 24.53 0.66
N ASN B 143 1.92 23.70 1.64
CA ASN B 143 0.55 23.57 2.15
C ASN B 143 0.19 24.74 3.05
N LYS B 144 1.08 25.05 3.99
CA LYS B 144 1.01 26.25 4.85
C LYS B 144 -0.15 26.40 5.89
N THR B 145 -0.38 25.33 6.64
CA THR B 145 -1.33 25.32 7.76
C THR B 145 -0.75 24.52 8.89
N GLY B 146 0.41 23.94 8.66
CA GLY B 146 0.96 23.04 9.64
C GLY B 146 0.58 21.59 9.37
N TYR B 147 -0.43 21.34 8.55
CA TYR B 147 -0.77 19.93 8.20
C TYR B 147 -0.29 19.60 6.78
N LEU B 148 -0.07 18.30 6.54
CA LEU B 148 0.38 17.76 5.27
C LEU B 148 -0.54 18.11 4.14
N VAL B 149 -1.77 17.62 4.16
CA VAL B 149 -2.69 17.98 3.08
C VAL B 149 -3.99 18.70 3.54
N GLY B 150 -4.31 19.77 2.83
CA GLY B 150 -5.45 20.60 3.21
C GLY B 150 -5.32 21.15 4.62
N ASP B 151 -6.46 21.40 5.25
CA ASP B 151 -6.53 22.15 6.51
C ASP B 151 -6.61 21.34 7.79
N SER B 152 -7.22 20.17 7.73
CA SER B 152 -7.42 19.41 8.95
C SER B 152 -6.46 18.24 8.99
N LEU B 153 -6.55 17.46 10.05
CA LEU B 153 -5.73 16.30 10.28
C LEU B 153 -6.20 15.25 9.27
N THR B 154 -5.30 14.40 8.80
CA THR B 154 -5.71 13.27 7.98
C THR B 154 -4.91 12.08 8.45
N PHE B 155 -5.22 10.90 7.92
CA PHE B 155 -4.42 9.75 8.32
C PHE B 155 -2.97 9.91 7.89
N ALA B 156 -2.74 10.72 6.88
CA ALA B 156 -1.39 11.07 6.47
C ALA B 156 -0.61 11.68 7.61
N ASP B 157 -1.16 12.75 8.19
CA ASP B 157 -0.59 13.34 9.37
C ASP B 157 -0.29 12.31 10.41
N LEU B 158 -1.26 11.39 10.59
CA LEU B 158 -1.22 10.41 11.67
C LEU B 158 -0.09 9.42 11.48
N TYR B 159 0.17 9.08 10.21
CA TYR B 159 1.22 8.16 9.85
C TYR B 159 2.62 8.70 10.16
N VAL B 160 2.92 9.81 9.52
CA VAL B 160 4.17 10.55 9.70
C VAL B 160 4.40 10.85 11.21
N ALA B 161 3.39 11.40 11.86
CA ALA B 161 3.46 11.83 13.27
C ALA B 161 3.89 10.74 14.22
N GLU B 162 3.22 9.58 14.13
CA GLU B 162 3.55 8.43 14.97
C GLU B 162 5.03 8.06 14.93
N MET B 163 5.76 8.61 13.96
CA MET B 163 7.18 8.31 13.79
C MET B 163 8.01 8.82 14.94
N GLY B 164 7.67 9.99 15.50
CA GLY B 164 8.39 10.48 16.66
C GLY B 164 8.92 9.39 17.59
N PHE B 165 8.49 8.14 17.37
CA PHE B 165 8.37 7.23 18.51
C PHE B 165 9.42 6.22 18.84
N THR B 166 10.00 5.58 17.82
CA THR B 166 10.76 4.35 18.10
C THR B 166 11.74 4.59 19.26
N GLU B 167 12.47 5.72 19.20
CA GLU B 167 13.22 6.32 20.33
C GLU B 167 14.03 5.36 21.19
N HIS B 168 14.33 4.24 20.56
CA HIS B 168 15.39 3.33 20.86
C HIS B 168 16.36 3.83 19.74
N TYR B 169 16.17 5.11 19.38
CA TYR B 169 17.03 5.93 18.49
C TYR B 169 16.68 7.43 18.72
N PRO B 170 17.54 8.17 19.44
CA PRO B 170 17.13 9.52 19.91
C PRO B 170 17.21 10.70 18.92
N LYS B 171 17.98 10.57 17.83
CA LYS B 171 18.32 11.72 16.99
C LYS B 171 17.22 12.41 16.15
N LEU B 172 16.18 11.70 15.72
CA LEU B 172 15.21 12.22 14.72
C LEU B 172 14.85 13.71 14.81
N TYR B 173 14.55 14.30 13.66
CA TYR B 173 14.10 15.71 13.55
C TYR B 173 15.16 16.75 13.95
N ASP B 174 16.43 16.34 13.88
CA ASP B 174 17.49 17.29 14.21
C ASP B 174 17.64 18.37 13.16
N GLY B 175 17.90 17.96 11.93
CA GLY B 175 18.01 18.93 10.83
C GLY B 175 16.63 19.28 10.28
N PHE B 176 15.58 18.95 11.01
CA PHE B 176 14.23 19.09 10.45
C PHE B 176 13.23 19.51 11.48
N PRO B 177 13.20 20.82 11.82
CA PRO B 177 12.26 21.43 12.78
C PRO B 177 10.80 21.63 12.34
N GLU B 178 10.54 21.79 11.04
CA GLU B 178 9.16 21.95 10.58
C GLU B 178 8.45 20.59 10.54
N VAL B 179 9.25 19.53 10.45
CA VAL B 179 8.79 18.15 10.55
C VAL B 179 8.59 17.84 12.03
N LYS B 180 9.38 18.46 12.92
CA LYS B 180 9.20 18.25 14.36
C LYS B 180 7.94 18.91 14.89
N ALA B 181 7.70 20.15 14.50
CA ALA B 181 6.49 20.88 14.84
C ALA B 181 5.25 20.15 14.33
N HIS B 182 5.36 19.52 13.17
CA HIS B 182 4.19 18.79 12.64
C HIS B 182 3.74 17.66 13.56
N ALA B 183 4.71 16.85 13.97
CA ALA B 183 4.57 15.74 14.88
C ALA B 183 3.96 16.11 16.24
N GLU B 184 4.48 17.22 16.82
CA GLU B 184 3.92 17.84 18.03
C GLU B 184 2.51 18.39 17.76
N LYS B 185 2.29 18.99 16.59
CA LYS B 185 0.98 19.55 16.24
C LYS B 185 -0.08 18.49 16.02
N VAL B 186 0.34 17.27 15.72
CA VAL B 186 -0.63 16.17 15.57
C VAL B 186 -1.10 15.64 16.89
N ARG B 187 -0.20 15.11 17.69
CA ARG B 187 -0.58 14.78 19.05
C ARG B 187 -0.66 16.05 19.94
N SER B 188 -1.07 17.16 19.36
CA SER B 188 -1.41 18.33 20.18
C SER B 188 -2.89 18.19 20.36
N ASN B 189 -3.55 17.58 19.37
CA ASN B 189 -4.99 17.32 19.44
C ASN B 189 -5.38 16.54 20.69
N PRO B 190 -6.44 17.00 21.40
CA PRO B 190 -6.66 16.51 22.77
C PRO B 190 -7.09 15.04 22.86
N LYS B 191 -7.88 14.56 21.89
CA LYS B 191 -8.28 13.16 21.90
C LYS B 191 -7.01 12.31 21.78
N LEU B 192 -6.14 12.75 20.88
CA LEU B 192 -4.91 12.11 20.53
C LEU B 192 -3.87 12.25 21.64
N LYS B 193 -3.72 13.47 22.12
CA LYS B 193 -2.83 13.75 23.27
C LYS B 193 -3.12 12.77 24.40
N LYS B 194 -4.38 12.67 24.78
CA LYS B 194 -4.82 11.77 25.88
C LYS B 194 -4.72 10.27 25.55
N TRP B 195 -4.93 9.89 24.28
CA TRP B 195 -4.54 8.54 23.80
C TRP B 195 -3.04 8.27 23.95
N ILE B 196 -2.18 9.18 23.53
CA ILE B 196 -0.76 8.96 23.79
C ILE B 196 -0.43 8.65 25.28
N GLU B 197 -0.93 9.45 26.23
CA GLU B 197 -0.62 9.22 27.66
C GLU B 197 -1.25 7.93 28.19
N THR B 198 -2.28 7.45 27.51
CA THR B 198 -3.16 6.46 28.12
C THR B 198 -3.00 5.02 27.54
N ARG B 199 -2.64 4.93 26.26
CA ARG B 199 -2.54 3.65 25.55
C ARG B 199 -1.49 2.75 26.20
N PRO B 200 -1.59 1.43 25.96
CA PRO B 200 -0.61 0.54 26.61
C PRO B 200 0.86 0.84 26.25
N ALA B 201 1.74 0.51 27.19
CA ALA B 201 3.19 0.55 26.96
C ALA B 201 3.50 -0.77 26.28
N SER B 202 4.31 -0.70 25.22
CA SER B 202 4.74 -1.85 24.43
C SER B 202 6.08 -1.57 23.74
N LYS B 203 6.82 -2.65 23.45
CA LYS B 203 8.11 -2.61 22.77
C LYS B 203 7.96 -2.18 21.31
N PHE B 204 6.83 -2.55 20.71
CA PHE B 204 6.59 -2.23 19.30
C PHE B 204 5.23 -1.56 19.08
#